data_9D5T
#
_entry.id   9D5T
#
_cell.length_a   68.764
_cell.length_b   73.183
_cell.length_c   95.410
_cell.angle_alpha   90.000
_cell.angle_beta   90.000
_cell.angle_gamma   90.000
#
_symmetry.space_group_name_H-M   'P 21 21 21'
#
loop_
_entity.id
_entity.type
_entity.pdbx_description
1 polymer 'Phage tail component domain protein'
2 non-polymer GLYCEROL
3 non-polymer 'COPPER (II) ION'
4 water water
#
_entity_poly.entity_id   1
_entity_poly.type   'polypeptide(L)'
_entity_poly.pdbx_seq_one_letter_code
;GGCIRKLNLYQGDKDEDENKDNGKRRDVICETEFIYPFGNETADKEIEITIHLKADRQVGYLYTEIPTLKYNKDWLFLMT
QDDCMHSAFSYTWAAIHGKPLSYIYYCDLAHLQNGDLPPDYYSLGKTLATTNGTGQEVRFSFGTTVAADDDLMNTQTWVQ
NGYTRDYFRFYKKTMLVWGNLQEMMNYGVSIAFHDLNLPDEDKTEDKLLAQFPVAQSMIREKLNNRTCKMLAEPNGDKNY
IKAALRYDKIRTLCAQSGATKLYPFQENGDIEQVVIERAFYDPPEGSGLTNPDMIKAAILKEMENPKEERAAISIGAHNT
DTGWVNFLEWLNDTYGRDGDDSMWFTNQEEYYEYYYYRLHSKPEIKQVNTHTWKLTLNLNGEDSAPFYYPSVTVNIFGLK
MGDIESIKSNEDVTGLSYGDHKDFFMLNIDCRKYLAEHAENFVKRYEANPTDVSAKADANYFVNMLKDSDKKTELKKRIE
;
_entity_poly.pdbx_strand_id   A
#
loop_
_chem_comp.id
_chem_comp.type
_chem_comp.name
_chem_comp.formula
CU non-polymer 'COPPER (II) ION' 'Cu 2'
GOL non-polymer GLYCEROL 'C3 H8 O3'
#
# COMPACT_ATOMS: atom_id res chain seq x y z
N ASP A 21 -9.14 -34.08 10.55
CA ASP A 21 -10.18 -34.46 9.61
C ASP A 21 -10.51 -33.32 8.66
N ASN A 22 -10.10 -33.46 7.40
CA ASN A 22 -10.25 -32.39 6.42
C ASN A 22 -11.71 -32.05 6.16
N GLY A 23 -12.57 -33.07 6.07
CA GLY A 23 -13.91 -32.87 5.56
C GLY A 23 -14.93 -32.40 6.57
N LYS A 24 -14.58 -32.33 7.85
CA LYS A 24 -15.50 -31.89 8.89
C LYS A 24 -15.65 -30.37 8.85
N ARG A 25 -16.89 -29.90 9.06
CA ARG A 25 -17.11 -28.46 9.10
C ARG A 25 -16.47 -27.85 10.35
N ARG A 26 -15.79 -26.71 10.16
CA ARG A 26 -15.32 -25.87 11.25
C ARG A 26 -15.83 -24.46 11.03
N ASP A 27 -16.18 -23.77 12.11
CA ASP A 27 -16.51 -22.35 12.06
C ASP A 27 -15.49 -21.62 12.92
N VAL A 28 -14.67 -20.79 12.28
CA VAL A 28 -13.46 -20.28 12.90
C VAL A 28 -13.49 -18.75 12.85
N ILE A 29 -12.73 -18.14 13.74
CA ILE A 29 -12.39 -16.72 13.59
C ILE A 29 -11.12 -16.66 12.76
N CYS A 30 -11.21 -16.02 11.58
CA CYS A 30 -10.06 -15.88 10.72
C CYS A 30 -8.93 -15.20 11.47
N GLU A 31 -7.72 -15.74 11.34
CA GLU A 31 -6.53 -15.22 12.01
C GLU A 31 -5.33 -15.41 11.11
N THR A 32 -4.41 -14.47 11.17
CA THR A 32 -3.12 -14.66 10.53
C THR A 32 -2.05 -14.84 11.60
N GLU A 33 -0.96 -15.50 11.24
CA GLU A 33 -0.01 -15.93 12.26
C GLU A 33 1.04 -14.88 12.59
N PHE A 34 1.11 -13.78 11.84
CA PHE A 34 1.94 -12.64 12.22
C PHE A 34 1.30 -11.38 11.64
N ILE A 35 1.56 -10.24 12.28
CA ILE A 35 1.19 -8.91 11.77
C ILE A 35 2.39 -7.99 11.97
N TYR A 36 2.74 -7.21 10.95
CA TYR A 36 3.85 -6.27 11.11
C TYR A 36 3.63 -5.44 12.38
N PRO A 37 4.68 -5.20 13.17
CA PRO A 37 4.53 -4.50 14.47
C PRO A 37 4.46 -2.98 14.31
N PHE A 38 3.34 -2.51 13.77
CA PHE A 38 3.17 -1.09 13.47
C PHE A 38 3.41 -0.21 14.69
N GLY A 39 2.98 -0.70 15.87
CA GLY A 39 3.13 0.10 17.08
C GLY A 39 4.57 0.36 17.44
N ASN A 40 5.48 -0.54 17.04
CA ASN A 40 6.90 -0.37 17.32
C ASN A 40 7.65 0.43 16.27
N GLU A 41 7.02 0.83 15.15
CA GLU A 41 7.74 1.53 14.10
C GLU A 41 8.39 2.79 14.66
N THR A 42 9.67 3.01 14.34
CA THR A 42 10.33 4.23 14.78
C THR A 42 9.85 5.41 13.94
N ALA A 43 9.62 6.52 14.63
CA ALA A 43 9.12 7.73 13.99
C ALA A 43 10.21 8.49 13.25
N ASP A 44 11.45 8.45 13.74
CA ASP A 44 12.55 9.22 13.19
C ASP A 44 13.59 8.29 12.59
N LYS A 45 14.01 8.58 11.36
CA LYS A 45 15.04 7.84 10.67
C LYS A 45 16.21 8.76 10.36
N GLU A 46 17.43 8.28 10.59
CA GLU A 46 18.64 8.96 10.16
C GLU A 46 19.32 8.08 9.14
N ILE A 47 19.26 8.48 7.86
CA ILE A 47 19.85 7.73 6.76
C ILE A 47 21.27 8.20 6.55
N GLU A 48 22.22 7.26 6.50
CA GLU A 48 23.61 7.52 6.12
C GLU A 48 24.03 6.47 5.11
N ILE A 49 24.30 6.90 3.88
CA ILE A 49 24.67 6.00 2.80
C ILE A 49 26.05 6.44 2.29
N THR A 50 27.01 5.52 2.32
CA THR A 50 28.38 5.82 1.92
C THR A 50 28.61 5.24 0.54
N ILE A 51 29.08 6.08 -0.38
CA ILE A 51 29.32 5.67 -1.77
C ILE A 51 30.82 5.73 -2.05
N HIS A 52 31.40 4.57 -2.37
CA HIS A 52 32.81 4.47 -2.73
C HIS A 52 32.94 4.34 -4.25
N LEU A 53 33.74 5.22 -4.85
CA LEU A 53 33.89 5.30 -6.29
C LEU A 53 35.12 4.51 -6.76
N LYS A 54 35.02 3.98 -7.98
CA LYS A 54 36.15 3.37 -8.67
C LYS A 54 37.26 4.41 -8.89
N ALA A 55 38.49 3.88 -9.04
CA ALA A 55 39.68 4.74 -9.02
C ALA A 55 39.68 5.75 -10.15
N ASP A 56 39.29 5.34 -11.35
CA ASP A 56 39.32 6.24 -12.51
C ASP A 56 37.97 6.87 -12.79
N ARG A 57 37.08 6.90 -11.80
CA ARG A 57 35.74 7.46 -11.95
C ARG A 57 35.49 8.55 -10.92
N GLN A 58 36.56 9.21 -10.47
CA GLN A 58 36.40 10.33 -9.55
C GLN A 58 35.56 11.41 -10.21
N VAL A 59 34.54 11.89 -9.49
CA VAL A 59 33.65 12.93 -9.98
C VAL A 59 33.95 14.21 -9.22
N GLY A 60 33.61 15.33 -9.84
CA GLY A 60 33.88 16.62 -9.23
C GLY A 60 32.80 17.12 -8.30
N TYR A 61 31.54 16.90 -8.68
CA TYR A 61 30.42 17.49 -7.95
C TYR A 61 29.21 16.58 -8.06
N LEU A 62 28.52 16.37 -6.93
CA LEU A 62 27.28 15.63 -6.87
C LEU A 62 26.24 16.45 -6.15
N TYR A 63 24.97 16.35 -6.56
CA TYR A 63 23.89 16.98 -5.81
C TYR A 63 22.66 16.09 -5.89
N THR A 64 21.70 16.32 -4.99
CA THR A 64 20.65 15.34 -4.76
C THR A 64 19.27 16.00 -4.67
N GLU A 65 18.24 15.19 -4.88
CA GLU A 65 16.86 15.63 -4.70
C GLU A 65 16.00 14.40 -4.41
N ILE A 66 14.89 14.63 -3.73
CA ILE A 66 13.78 13.68 -3.68
C ILE A 66 12.81 14.03 -4.81
N PRO A 67 12.52 13.11 -5.73
CA PRO A 67 11.64 13.45 -6.86
C PRO A 67 10.19 13.54 -6.46
N THR A 68 9.40 14.17 -7.35
CA THR A 68 8.00 14.45 -7.08
C THR A 68 7.24 13.18 -6.70
N LEU A 69 7.47 12.09 -7.43
CA LEU A 69 6.82 10.82 -7.13
C LEU A 69 7.88 9.77 -6.82
N LYS A 70 7.56 8.90 -5.86
CA LYS A 70 8.44 7.78 -5.53
C LYS A 70 8.76 6.97 -6.78
N TYR A 71 9.97 6.43 -6.82
CA TYR A 71 10.47 5.60 -7.92
C TYR A 71 10.63 6.39 -9.21
N ASN A 72 10.56 7.72 -9.15
CA ASN A 72 10.63 8.57 -10.34
C ASN A 72 9.47 8.30 -11.31
N LYS A 73 8.30 7.94 -10.77
CA LYS A 73 7.15 7.72 -11.61
C LYS A 73 6.65 9.04 -12.22
N ASP A 74 5.91 8.89 -13.33
CA ASP A 74 5.39 10.06 -14.04
C ASP A 74 4.04 10.55 -13.51
N TRP A 75 3.19 9.65 -12.99
CA TRP A 75 1.85 10.05 -12.63
C TRP A 75 1.35 9.14 -11.51
N LEU A 76 0.30 9.60 -10.84
CA LEU A 76 -0.15 9.05 -9.57
C LEU A 76 -1.56 8.49 -9.70
N PHE A 77 -1.75 7.26 -9.24
CA PHE A 77 -3.05 6.60 -9.14
C PHE A 77 -3.26 6.26 -7.67
N LEU A 78 -4.32 6.81 -7.07
CA LEU A 78 -4.67 6.57 -5.66
C LEU A 78 -5.98 5.80 -5.60
N MET A 79 -6.06 4.77 -4.76
CA MET A 79 -7.28 3.97 -4.66
C MET A 79 -7.66 3.77 -3.20
N THR A 80 -8.89 4.13 -2.84
CA THR A 80 -9.44 3.85 -1.51
C THR A 80 -10.79 3.20 -1.71
N GLN A 81 -10.94 1.99 -1.15
CA GLN A 81 -12.15 1.20 -1.29
C GLN A 81 -12.99 1.34 -0.03
N ASP A 82 -14.24 1.77 -0.19
CA ASP A 82 -15.08 2.18 0.92
C ASP A 82 -15.94 1.02 1.42
N ASP A 83 -16.56 1.24 2.58
CA ASP A 83 -17.57 0.38 3.19
C ASP A 83 -17.01 -0.93 3.72
N CYS A 84 -15.69 -1.02 3.92
CA CYS A 84 -15.08 -2.18 4.57
C CYS A 84 -15.56 -3.47 3.91
N MET A 85 -15.44 -3.53 2.59
CA MET A 85 -16.13 -4.54 1.80
C MET A 85 -15.38 -5.86 1.77
N HIS A 86 -16.15 -6.96 1.82
CA HIS A 86 -15.57 -8.28 1.66
C HIS A 86 -14.68 -8.35 0.42
N SER A 87 -15.13 -7.75 -0.70
CA SER A 87 -14.38 -7.81 -1.95
C SER A 87 -13.04 -7.06 -1.89
N ALA A 88 -12.84 -6.17 -0.91
CA ALA A 88 -11.51 -5.58 -0.77
C ALA A 88 -10.46 -6.65 -0.53
N PHE A 89 -10.84 -7.74 0.17
CA PHE A 89 -9.97 -8.90 0.33
C PHE A 89 -10.08 -9.84 -0.87
N SER A 90 -11.30 -10.29 -1.18
CA SER A 90 -11.49 -11.43 -2.08
C SER A 90 -11.20 -11.08 -3.54
N TYR A 91 -11.39 -9.82 -3.93
CA TYR A 91 -11.15 -9.40 -5.31
C TYR A 91 -9.95 -8.46 -5.42
N THR A 92 -9.94 -7.34 -4.70
CA THR A 92 -8.89 -6.34 -4.89
C THR A 92 -7.54 -6.86 -4.43
N TRP A 93 -7.43 -7.21 -3.13
CA TRP A 93 -6.16 -7.68 -2.60
C TRP A 93 -5.74 -8.98 -3.28
N ALA A 94 -6.68 -9.90 -3.46
CA ALA A 94 -6.30 -11.20 -4.01
C ALA A 94 -5.76 -11.07 -5.42
N ALA A 95 -6.38 -10.22 -6.25
CA ALA A 95 -5.91 -10.05 -7.62
C ALA A 95 -4.53 -9.43 -7.65
N ILE A 96 -4.28 -8.43 -6.78
CA ILE A 96 -2.97 -7.78 -6.77
C ILE A 96 -1.89 -8.78 -6.38
N HIS A 97 -2.18 -9.65 -5.41
CA HIS A 97 -1.12 -10.43 -4.78
C HIS A 97 -1.05 -11.87 -5.27
N GLY A 98 -1.62 -12.16 -6.44
CA GLY A 98 -1.43 -13.47 -7.06
C GLY A 98 -2.12 -14.61 -6.35
N LYS A 99 -3.24 -14.34 -5.69
CA LYS A 99 -3.96 -15.31 -4.88
C LYS A 99 -5.11 -15.91 -5.67
N PRO A 100 -5.69 -17.01 -5.18
CA PRO A 100 -6.90 -17.57 -5.82
C PRO A 100 -8.01 -16.53 -5.91
N LEU A 101 -8.69 -16.54 -7.05
CA LEU A 101 -9.80 -15.65 -7.35
C LEU A 101 -11.03 -16.47 -7.68
N SER A 102 -12.20 -15.83 -7.55
CA SER A 102 -13.47 -16.39 -7.95
C SER A 102 -14.19 -15.39 -8.84
N TYR A 103 -15.08 -15.89 -9.70
CA TYR A 103 -15.91 -15.00 -10.49
C TYR A 103 -17.16 -14.54 -9.75
N ILE A 104 -17.70 -15.37 -8.84
CA ILE A 104 -18.95 -15.01 -8.17
C ILE A 104 -18.91 -15.13 -6.65
N TYR A 105 -17.85 -15.75 -6.09
CA TYR A 105 -17.78 -16.04 -4.66
C TYR A 105 -16.73 -15.16 -3.98
N TYR A 106 -16.63 -15.31 -2.65
CA TYR A 106 -15.88 -14.40 -1.79
C TYR A 106 -15.11 -15.21 -0.74
N CYS A 107 -13.84 -15.50 -1.02
CA CYS A 107 -13.00 -16.21 -0.05
C CYS A 107 -12.69 -15.33 1.16
N ASP A 108 -12.59 -15.98 2.31
CA ASP A 108 -11.95 -15.44 3.50
C ASP A 108 -10.55 -16.03 3.63
N LEU A 109 -9.75 -15.41 4.52
CA LEU A 109 -8.38 -15.86 4.73
C LEU A 109 -8.31 -17.35 5.06
N ALA A 110 -9.21 -17.83 5.93
CA ALA A 110 -9.13 -19.22 6.36
C ALA A 110 -9.36 -20.17 5.19
N HIS A 111 -10.15 -19.75 4.19
CA HIS A 111 -10.31 -20.59 3.01
C HIS A 111 -8.99 -20.75 2.28
N LEU A 112 -8.26 -19.65 2.11
CA LEU A 112 -6.96 -19.72 1.44
C LEU A 112 -5.96 -20.55 2.24
N GLN A 113 -5.92 -20.34 3.56
CA GLN A 113 -4.98 -21.06 4.41
C GLN A 113 -5.21 -22.56 4.36
N ASN A 114 -6.47 -22.99 4.24
CA ASN A 114 -6.81 -24.40 4.29
C ASN A 114 -6.95 -25.02 2.91
N GLY A 115 -6.85 -24.23 1.84
CA GLY A 115 -7.08 -24.77 0.52
C GLY A 115 -8.51 -25.16 0.25
N ASP A 116 -9.46 -24.55 0.96
CA ASP A 116 -10.90 -24.77 0.73
C ASP A 116 -11.38 -23.67 -0.21
N LEU A 117 -11.39 -23.97 -1.51
CA LEU A 117 -11.59 -22.93 -2.51
C LEU A 117 -12.91 -23.10 -3.26
N PRO A 118 -13.52 -22.00 -3.70
CA PRO A 118 -14.84 -22.08 -4.37
C PRO A 118 -14.72 -22.78 -5.70
N PRO A 119 -15.85 -23.29 -6.23
CA PRO A 119 -15.80 -24.22 -7.36
C PRO A 119 -15.43 -23.59 -8.70
N ASP A 120 -15.37 -22.26 -8.80
CA ASP A 120 -14.97 -21.59 -10.03
C ASP A 120 -13.61 -20.93 -9.90
N TYR A 121 -12.80 -21.33 -8.92
CA TYR A 121 -11.61 -20.54 -8.64
C TYR A 121 -10.60 -20.61 -9.79
N TYR A 122 -9.85 -19.52 -9.94
CA TYR A 122 -8.87 -19.38 -10.98
C TYR A 122 -7.76 -18.48 -10.44
N SER A 123 -6.71 -18.31 -11.22
CA SER A 123 -5.70 -17.32 -10.87
C SER A 123 -5.24 -16.60 -12.12
N LEU A 124 -4.76 -15.37 -11.94
CA LEU A 124 -4.28 -14.60 -13.09
C LEU A 124 -2.94 -15.12 -13.59
N GLY A 125 -2.19 -15.82 -12.75
CA GLY A 125 -0.87 -16.29 -13.12
C GLY A 125 0.23 -15.28 -12.89
N LYS A 126 -0.07 -14.14 -12.27
CA LYS A 126 0.94 -13.14 -11.98
C LYS A 126 0.38 -12.19 -10.95
N THR A 127 1.29 -11.47 -10.30
CA THR A 127 0.90 -10.37 -9.44
C THR A 127 0.69 -9.12 -10.30
N LEU A 128 0.12 -8.07 -9.70
CA LEU A 128 -0.15 -6.83 -10.43
C LEU A 128 0.68 -5.73 -9.80
N ALA A 129 1.55 -5.10 -10.59
CA ALA A 129 2.64 -4.35 -9.98
C ALA A 129 3.21 -3.33 -10.96
N THR A 130 3.97 -2.39 -10.41
CA THR A 130 4.97 -1.64 -11.18
C THR A 130 6.35 -2.19 -10.79
N THR A 131 7.41 -1.64 -11.37
CA THR A 131 8.73 -1.78 -10.77
C THR A 131 9.05 -0.53 -9.96
N ASN A 132 10.14 -0.62 -9.20
CA ASN A 132 10.65 0.54 -8.48
C ASN A 132 11.67 1.34 -9.29
N GLY A 133 11.89 1.00 -10.56
CA GLY A 133 12.88 1.65 -11.39
C GLY A 133 14.30 1.15 -11.18
N THR A 134 14.54 0.28 -10.20
CA THR A 134 15.87 -0.26 -9.96
C THR A 134 15.83 -1.79 -9.90
N GLY A 135 14.84 -2.39 -10.57
CA GLY A 135 14.83 -3.81 -10.82
C GLY A 135 13.98 -4.66 -9.92
N GLN A 136 13.20 -4.07 -9.01
CA GLN A 136 12.37 -4.82 -8.09
C GLN A 136 10.89 -4.55 -8.33
N GLU A 137 10.09 -5.55 -7.99
CA GLU A 137 8.63 -5.48 -8.03
C GLU A 137 8.09 -4.57 -6.92
N VAL A 138 7.09 -3.76 -7.27
CA VAL A 138 6.31 -2.98 -6.31
C VAL A 138 4.84 -3.29 -6.60
N ARG A 139 4.23 -4.16 -5.79
CA ARG A 139 2.84 -4.48 -6.05
C ARG A 139 1.94 -3.26 -5.83
N PHE A 140 0.85 -3.20 -6.58
CA PHE A 140 -0.13 -2.13 -6.40
C PHE A 140 -0.54 -2.04 -4.94
N SER A 141 -0.75 -0.81 -4.46
CA SER A 141 -1.20 -0.60 -3.09
C SER A 141 -2.48 0.22 -3.07
N PHE A 142 -3.32 -0.01 -2.07
CA PHE A 142 -4.59 0.68 -1.93
C PHE A 142 -4.94 0.75 -0.45
N GLY A 143 -5.98 1.52 -0.14
CA GLY A 143 -6.53 1.56 1.20
C GLY A 143 -7.95 1.04 1.22
N THR A 144 -8.36 0.50 2.37
CA THR A 144 -9.76 0.16 2.63
C THR A 144 -10.26 0.92 3.86
N THR A 145 -11.51 1.34 3.82
CA THR A 145 -12.11 1.81 5.07
C THR A 145 -12.38 0.64 6.01
N VAL A 146 -12.56 0.96 7.29
CA VAL A 146 -12.69 -0.05 8.35
CA VAL A 146 -12.68 -0.04 8.34
C VAL A 146 -13.91 0.28 9.18
N ALA A 147 -14.72 -0.71 9.45
CA ALA A 147 -15.89 -0.54 10.32
C ALA A 147 -15.55 -1.09 11.71
N ALA A 148 -14.53 -0.48 12.32
CA ALA A 148 -13.86 -1.10 13.46
C ALA A 148 -14.75 -1.15 14.70
N ASP A 149 -15.71 -0.22 14.80
CA ASP A 149 -16.63 -0.20 15.92
C ASP A 149 -17.90 -0.98 15.63
N ASP A 150 -17.85 -1.89 14.65
CA ASP A 150 -18.99 -2.71 14.24
C ASP A 150 -18.67 -4.18 14.53
N ASP A 151 -19.50 -4.81 15.36
CA ASP A 151 -19.27 -6.19 15.77
C ASP A 151 -19.36 -7.17 14.60
N LEU A 152 -19.91 -6.76 13.46
CA LEU A 152 -19.96 -7.66 12.32
C LEU A 152 -18.56 -8.00 11.80
N MET A 153 -17.55 -7.21 12.16
CA MET A 153 -16.18 -7.61 11.82
C MET A 153 -15.75 -8.87 12.57
N ASN A 154 -16.50 -9.30 13.59
CA ASN A 154 -16.18 -10.47 14.38
C ASN A 154 -16.88 -11.73 13.89
N THR A 155 -17.50 -11.67 12.71
CA THR A 155 -18.19 -12.81 12.13
C THR A 155 -17.23 -13.98 11.88
N GLN A 156 -17.73 -15.20 12.09
CA GLN A 156 -16.96 -16.41 11.83
C GLN A 156 -16.96 -16.78 10.34
N THR A 157 -16.02 -17.66 9.99
CA THR A 157 -15.87 -18.22 8.65
C THR A 157 -16.11 -19.73 8.72
N TRP A 158 -16.93 -20.23 7.81
CA TRP A 158 -17.17 -21.68 7.68
C TRP A 158 -16.16 -22.27 6.72
N VAL A 159 -15.34 -23.20 7.21
CA VAL A 159 -14.33 -23.91 6.41
C VAL A 159 -14.70 -25.37 6.37
N GLN A 160 -14.72 -25.96 5.16
CA GLN A 160 -15.05 -27.38 5.05
C GLN A 160 -14.50 -27.91 3.71
N ASN A 161 -13.24 -28.35 3.74
CA ASN A 161 -12.61 -28.89 2.55
C ASN A 161 -13.44 -30.04 1.98
N GLY A 162 -13.63 -30.03 0.67
CA GLY A 162 -14.27 -31.13 -0.01
C GLY A 162 -15.78 -31.09 -0.02
N TYR A 163 -16.40 -30.14 0.69
CA TYR A 163 -17.84 -30.04 0.77
C TYR A 163 -18.38 -29.34 -0.47
N THR A 164 -19.24 -30.03 -1.23
CA THR A 164 -19.76 -29.51 -2.49
C THR A 164 -21.28 -29.45 -2.53
N ARG A 165 -21.96 -29.89 -1.47
CA ARG A 165 -23.43 -29.84 -1.46
C ARG A 165 -23.93 -28.41 -1.65
N ASP A 166 -23.21 -27.43 -1.12
CA ASP A 166 -23.50 -26.03 -1.35
C ASP A 166 -22.22 -25.25 -1.16
N TYR A 167 -22.27 -23.97 -1.54
CA TYR A 167 -21.13 -23.07 -1.43
C TYR A 167 -21.49 -21.82 -0.63
N PHE A 168 -22.44 -21.98 0.31
CA PHE A 168 -22.89 -20.87 1.13
C PHE A 168 -21.74 -20.23 1.91
N ARG A 169 -20.73 -21.02 2.29
CA ARG A 169 -19.62 -20.46 3.08
C ARG A 169 -18.81 -19.43 2.31
N PHE A 170 -18.97 -19.37 0.98
CA PHE A 170 -18.27 -18.42 0.12
C PHE A 170 -19.13 -17.25 -0.32
N TYR A 171 -20.30 -17.06 0.31
CA TYR A 171 -21.14 -15.93 -0.05
C TYR A 171 -20.57 -14.64 0.53
N LYS A 172 -20.98 -13.52 -0.08
CA LYS A 172 -20.54 -12.21 0.36
C LYS A 172 -20.99 -11.92 1.78
N LYS A 173 -20.04 -11.57 2.64
CA LYS A 173 -20.38 -11.06 3.97
C LYS A 173 -20.67 -9.56 3.91
N THR A 174 -21.31 -9.05 4.98
CA THR A 174 -21.65 -7.62 4.94
CA THR A 174 -21.65 -7.63 5.01
C THR A 174 -20.42 -6.74 5.03
N MET A 175 -19.31 -7.25 5.57
CA MET A 175 -18.08 -6.48 5.66
C MET A 175 -16.93 -7.45 5.89
N LEU A 176 -15.70 -6.94 5.76
CA LEU A 176 -14.51 -7.72 6.10
C LEU A 176 -14.57 -8.26 7.52
N VAL A 177 -14.14 -9.51 7.68
CA VAL A 177 -13.79 -10.02 9.01
C VAL A 177 -12.38 -9.55 9.37
N TRP A 178 -12.12 -9.41 10.67
CA TRP A 178 -10.85 -8.83 11.13
C TRP A 178 -9.64 -9.55 10.56
N GLY A 179 -9.68 -10.89 10.53
CA GLY A 179 -8.50 -11.62 10.06
C GLY A 179 -8.12 -11.27 8.63
N ASN A 180 -9.10 -11.00 7.77
CA ASN A 180 -8.80 -10.59 6.40
C ASN A 180 -8.03 -9.28 6.40
N LEU A 181 -8.51 -8.31 7.18
CA LEU A 181 -7.84 -7.02 7.25
C LEU A 181 -6.46 -7.15 7.88
N GLN A 182 -6.33 -7.97 8.93
CA GLN A 182 -5.02 -8.18 9.55
C GLN A 182 -4.00 -8.68 8.53
N GLU A 183 -4.39 -9.65 7.70
CA GLU A 183 -3.46 -10.16 6.70
C GLU A 183 -3.13 -9.11 5.64
N MET A 184 -4.13 -8.34 5.22
CA MET A 184 -3.88 -7.26 4.25
C MET A 184 -2.84 -6.26 4.77
N MET A 185 -2.80 -6.01 6.08
CA MET A 185 -1.80 -5.10 6.64
C MET A 185 -0.39 -5.57 6.36
N ASN A 186 -0.17 -6.89 6.30
CA ASN A 186 1.17 -7.42 6.05
C ASN A 186 1.67 -7.07 4.66
N TYR A 187 0.78 -6.66 3.76
CA TYR A 187 1.15 -6.33 2.40
C TYR A 187 1.11 -4.83 2.15
N GLY A 188 1.07 -4.03 3.22
CA GLY A 188 1.08 -2.58 3.06
C GLY A 188 -0.24 -1.93 2.70
N VAL A 189 -1.36 -2.66 2.73
CA VAL A 189 -2.66 -2.04 2.50
C VAL A 189 -2.91 -1.03 3.60
N SER A 190 -3.48 0.14 3.24
CA SER A 190 -3.77 1.19 4.19
C SER A 190 -5.21 1.10 4.72
N ILE A 191 -5.53 1.96 5.71
CA ILE A 191 -6.81 1.98 6.40
C ILE A 191 -7.33 3.42 6.50
N ALA A 192 -8.64 3.56 6.53
CA ALA A 192 -9.30 4.84 6.72
C ALA A 192 -10.58 4.65 7.52
N PHE A 193 -10.91 5.67 8.32
CA PHE A 193 -12.25 5.76 8.90
C PHE A 193 -13.27 6.06 7.81
N HIS A 194 -14.51 5.66 8.06
CA HIS A 194 -15.64 5.96 7.18
C HIS A 194 -16.85 6.18 8.09
N ASP A 195 -17.97 5.49 7.86
CA ASP A 195 -19.08 5.57 8.80
C ASP A 195 -18.65 5.12 10.19
N LEU A 196 -19.14 5.83 11.20
CA LEU A 196 -18.99 5.39 12.58
C LEU A 196 -20.30 4.76 13.06
N ASN A 197 -20.20 3.84 14.02
CA ASN A 197 -21.35 3.03 14.43
C ASN A 197 -22.15 3.74 15.55
N LEU A 198 -22.87 4.79 15.15
CA LEU A 198 -23.77 5.56 16.00
C LEU A 198 -25.15 5.58 15.37
N PRO A 199 -26.21 5.75 16.17
CA PRO A 199 -27.53 6.01 15.59
C PRO A 199 -27.47 7.21 14.67
N ASP A 200 -28.29 7.19 13.62
CA ASP A 200 -28.24 8.28 12.63
C ASP A 200 -28.49 9.63 13.29
N GLU A 201 -29.40 9.69 14.26
CA GLU A 201 -29.70 10.95 14.94
C GLU A 201 -28.57 11.43 15.83
N ASP A 202 -27.58 10.58 16.11
CA ASP A 202 -26.44 10.96 16.93
C ASP A 202 -25.21 11.30 16.11
N LYS A 203 -25.32 11.38 14.78
CA LYS A 203 -24.15 11.68 13.96
C LYS A 203 -23.94 13.18 13.86
N THR A 204 -23.91 13.85 15.02
CA THR A 204 -23.55 15.25 15.11
C THR A 204 -22.04 15.39 15.11
N GLU A 205 -21.56 16.60 14.78
CA GLU A 205 -20.14 16.87 14.79
C GLU A 205 -19.51 16.45 16.13
N ASP A 206 -20.13 16.86 17.25
CA ASP A 206 -19.54 16.58 18.55
C ASP A 206 -19.57 15.10 18.89
N LYS A 207 -20.65 14.39 18.57
CA LYS A 207 -20.70 12.98 18.93
C LYS A 207 -19.81 12.14 18.02
N LEU A 208 -19.71 12.52 16.75
CA LEU A 208 -18.75 11.83 15.89
C LEU A 208 -17.34 12.02 16.42
N LEU A 209 -17.01 13.23 16.87
CA LEU A 209 -15.69 13.48 17.44
C LEU A 209 -15.40 12.54 18.61
N ALA A 210 -16.37 12.35 19.49
CA ALA A 210 -16.15 11.47 20.62
C ALA A 210 -16.02 10.01 20.21
N GLN A 211 -16.63 9.61 19.09
CA GLN A 211 -16.59 8.21 18.67
C GLN A 211 -15.35 7.84 17.87
N PHE A 212 -14.66 8.81 17.25
CA PHE A 212 -13.40 8.50 16.56
C PHE A 212 -12.39 7.77 17.45
N PRO A 213 -12.09 8.23 18.68
CA PRO A 213 -11.13 7.46 19.50
C PRO A 213 -11.63 6.09 19.90
N VAL A 214 -12.96 5.89 19.99
CA VAL A 214 -13.48 4.57 20.30
C VAL A 214 -13.16 3.61 19.17
N ALA A 215 -13.42 4.03 17.93
CA ALA A 215 -13.07 3.20 16.78
C ALA A 215 -11.56 2.99 16.71
N GLN A 216 -10.79 4.05 16.99
CA GLN A 216 -9.34 3.96 16.96
C GLN A 216 -8.83 2.91 17.95
N SER A 217 -9.44 2.83 19.14
CA SER A 217 -8.99 1.84 20.10
C SER A 217 -9.12 0.43 19.55
N MET A 218 -10.21 0.16 18.81
CA MET A 218 -10.38 -1.18 18.24
C MET A 218 -9.41 -1.43 17.08
N ILE A 219 -9.15 -0.40 16.28
CA ILE A 219 -8.14 -0.54 15.22
C ILE A 219 -6.79 -0.93 15.82
N ARG A 220 -6.37 -0.22 16.86
CA ARG A 220 -5.09 -0.49 17.50
C ARG A 220 -5.07 -1.87 18.14
N GLU A 221 -6.19 -2.27 18.76
CA GLU A 221 -6.28 -3.59 19.39
C GLU A 221 -6.10 -4.73 18.39
N LYS A 222 -6.66 -4.58 17.18
CA LYS A 222 -6.70 -5.64 16.18
C LYS A 222 -5.57 -5.59 15.17
N LEU A 223 -5.02 -4.41 14.88
CA LEU A 223 -4.02 -4.28 13.82
C LEU A 223 -2.64 -4.00 14.37
N ASN A 224 -2.29 -4.71 15.45
CA ASN A 224 -0.97 -4.64 16.08
C ASN A 224 -0.56 -3.19 16.32
N ASN A 225 -1.50 -2.40 16.83
CA ASN A 225 -1.30 -1.04 17.32
C ASN A 225 -0.97 -0.03 16.22
N ARG A 226 -1.37 -0.33 15.00
CA ARG A 226 -1.40 0.67 13.95
C ARG A 226 -2.45 1.74 14.30
N THR A 227 -2.10 3.01 14.08
CA THR A 227 -3.00 4.13 14.28
C THR A 227 -3.52 4.57 12.92
N CYS A 228 -4.84 4.66 12.80
CA CYS A 228 -5.46 5.14 11.56
C CYS A 228 -5.39 6.67 11.53
N LYS A 229 -4.93 7.23 10.40
CA LYS A 229 -4.80 8.69 10.30
C LYS A 229 -5.52 9.26 9.08
N MET A 230 -6.52 8.54 8.55
CA MET A 230 -7.25 8.98 7.37
C MET A 230 -8.75 8.86 7.55
N LEU A 231 -9.48 9.84 7.02
CA LEU A 231 -10.94 9.73 6.89
C LEU A 231 -11.35 9.76 5.42
N ALA A 232 -12.14 8.76 5.01
CA ALA A 232 -12.86 8.81 3.74
C ALA A 232 -14.29 9.25 4.06
N GLU A 233 -14.66 10.45 3.61
CA GLU A 233 -15.96 11.00 3.95
C GLU A 233 -17.08 10.07 3.49
N PRO A 234 -18.07 9.76 4.34
CA PRO A 234 -19.19 8.94 3.91
C PRO A 234 -20.41 9.74 3.47
N ASN A 235 -21.04 9.32 2.37
CA ASN A 235 -22.38 9.78 2.00
C ASN A 235 -22.49 11.30 1.86
N GLY A 236 -21.38 11.98 1.53
CA GLY A 236 -21.40 13.43 1.43
C GLY A 236 -21.67 14.15 2.73
N ASP A 237 -21.44 13.50 3.87
CA ASP A 237 -21.81 14.04 5.19
C ASP A 237 -20.65 14.86 5.75
N LYS A 238 -20.73 16.19 5.59
CA LYS A 238 -19.65 17.06 6.00
C LYS A 238 -19.45 17.12 7.51
N ASN A 239 -20.40 16.62 8.32
CA ASN A 239 -20.16 16.56 9.76
C ASN A 239 -18.98 15.66 10.08
N TYR A 240 -18.71 14.67 9.23
CA TYR A 240 -17.58 13.79 9.45
C TYR A 240 -16.25 14.52 9.24
N ILE A 241 -16.18 15.36 8.21
CA ILE A 241 -14.98 16.16 8.02
C ILE A 241 -14.82 17.16 9.16
N LYS A 242 -15.91 17.84 9.56
CA LYS A 242 -15.82 18.82 10.64
C LYS A 242 -15.35 18.19 11.94
N ALA A 243 -15.86 17.00 12.25
CA ALA A 243 -15.44 16.28 13.44
C ALA A 243 -13.99 15.82 13.31
N ALA A 244 -13.61 15.26 12.15
CA ALA A 244 -12.28 14.71 11.99
C ALA A 244 -11.21 15.78 12.15
N LEU A 245 -11.51 17.01 11.74
CA LEU A 245 -10.51 18.06 11.85
C LEU A 245 -10.24 18.48 13.29
N ARG A 246 -11.10 18.07 14.22
CA ARG A 246 -10.86 18.30 15.64
C ARG A 246 -10.24 17.09 16.33
N TYR A 247 -9.93 16.03 15.59
CA TYR A 247 -9.31 14.82 16.12
C TYR A 247 -7.93 14.73 15.48
N ASP A 248 -6.89 15.11 16.22
CA ASP A 248 -5.63 15.41 15.55
C ASP A 248 -4.89 14.17 15.07
N LYS A 249 -5.37 12.97 15.42
CA LYS A 249 -4.79 11.77 14.84
C LYS A 249 -5.10 11.62 13.35
N ILE A 250 -6.17 12.24 12.87
CA ILE A 250 -6.47 12.19 11.43
C ILE A 250 -5.66 13.29 10.72
N ARG A 251 -4.77 12.87 9.83
CA ARG A 251 -3.90 13.82 9.13
C ARG A 251 -4.25 14.02 7.67
N THR A 252 -5.00 13.11 7.06
CA THR A 252 -5.34 13.21 5.65
C THR A 252 -6.77 12.71 5.45
N LEU A 253 -7.46 13.32 4.49
CA LEU A 253 -8.88 13.05 4.28
C LEU A 253 -9.18 13.02 2.79
N CYS A 254 -10.29 12.38 2.41
CA CYS A 254 -10.74 12.44 1.02
C CYS A 254 -12.25 12.57 0.95
N ALA A 255 -12.72 13.20 -0.13
CA ALA A 255 -14.14 13.42 -0.40
C ALA A 255 -14.30 13.72 -1.88
N GLN A 256 -15.56 13.72 -2.32
CA GLN A 256 -15.88 14.01 -3.71
C GLN A 256 -16.13 15.50 -3.96
N SER A 257 -16.58 16.24 -2.95
CA SER A 257 -16.76 17.67 -3.03
C SER A 257 -16.18 18.31 -1.77
N GLY A 258 -16.00 19.62 -1.79
CA GLY A 258 -15.34 20.29 -0.68
C GLY A 258 -13.90 19.83 -0.47
N ALA A 259 -13.19 19.55 -1.55
CA ALA A 259 -11.86 18.98 -1.49
C ALA A 259 -10.92 19.79 -2.37
N THR A 260 -9.65 19.41 -2.36
CA THR A 260 -8.63 19.97 -3.24
C THR A 260 -8.24 18.94 -4.28
N LYS A 261 -8.29 19.31 -5.55
CA LYS A 261 -7.82 18.43 -6.61
C LYS A 261 -6.30 18.40 -6.61
N LEU A 262 -5.73 17.19 -6.51
CA LEU A 262 -4.29 17.03 -6.39
C LEU A 262 -3.63 17.03 -7.78
N TYR A 263 -2.73 17.98 -8.00
CA TYR A 263 -1.79 17.98 -9.12
C TYR A 263 -0.41 17.75 -8.56
N PRO A 264 0.15 16.53 -8.65
CA PRO A 264 1.36 16.22 -7.85
C PRO A 264 2.56 17.08 -8.18
N PHE A 265 2.70 17.54 -9.41
CA PHE A 265 3.86 18.36 -9.77
C PHE A 265 3.62 19.85 -9.50
N GLN A 266 2.40 20.24 -9.14
CA GLN A 266 2.09 21.64 -8.86
C GLN A 266 1.87 21.94 -7.39
N GLU A 267 1.44 20.95 -6.61
CA GLU A 267 1.02 21.20 -5.25
C GLU A 267 2.21 21.60 -4.40
N ASN A 268 2.06 22.74 -3.73
CA ASN A 268 3.15 23.42 -3.05
C ASN A 268 2.91 23.60 -1.56
N GLY A 269 1.67 23.49 -1.10
CA GLY A 269 1.35 23.81 0.27
C GLY A 269 1.56 22.65 1.21
N ASP A 270 1.34 22.93 2.49
CA ASP A 270 1.09 21.85 3.44
C ASP A 270 -0.21 21.19 3.07
N ILE A 271 -0.25 19.85 3.18
CA ILE A 271 -1.51 19.14 3.02
C ILE A 271 -1.92 18.43 4.31
N GLU A 272 -1.36 18.87 5.43
CA GLU A 272 -1.83 18.40 6.73
C GLU A 272 -3.30 18.75 6.92
N GLN A 273 -4.10 17.74 7.22
CA GLN A 273 -5.53 17.89 7.46
C GLN A 273 -6.27 18.46 6.25
N VAL A 274 -5.72 18.25 5.05
CA VAL A 274 -6.36 18.68 3.81
C VAL A 274 -7.23 17.55 3.24
N VAL A 275 -8.41 17.91 2.76
CA VAL A 275 -9.30 16.97 2.09
C VAL A 275 -8.88 16.90 0.61
N ILE A 276 -8.39 15.75 0.19
CA ILE A 276 -7.96 15.52 -1.19
C ILE A 276 -9.15 15.00 -1.99
N GLU A 277 -9.35 15.53 -3.20
CA GLU A 277 -10.48 15.12 -4.02
C GLU A 277 -10.31 13.67 -4.51
N ARG A 278 -11.39 12.92 -4.44
CA ARG A 278 -11.47 11.57 -4.95
C ARG A 278 -12.78 11.44 -5.71
N ALA A 279 -12.80 10.59 -6.73
CA ALA A 279 -14.02 10.41 -7.52
C ALA A 279 -14.32 8.93 -7.71
N PHE A 280 -15.61 8.60 -7.80
CA PHE A 280 -16.02 7.22 -8.06
C PHE A 280 -16.24 6.93 -9.53
N TYR A 281 -16.42 7.96 -10.36
CA TYR A 281 -16.59 7.79 -11.80
C TYR A 281 -17.77 6.86 -12.13
N ASP A 282 -18.92 7.14 -11.50
CA ASP A 282 -20.12 6.37 -11.79
C ASP A 282 -20.51 6.52 -13.26
N PRO A 283 -20.96 5.46 -13.91
CA PRO A 283 -21.38 5.57 -15.31
C PRO A 283 -22.79 6.13 -15.41
N PRO A 284 -23.11 6.80 -16.52
CA PRO A 284 -24.49 7.26 -16.73
C PRO A 284 -25.48 6.11 -16.65
N GLU A 285 -26.67 6.40 -16.11
CA GLU A 285 -27.66 5.37 -15.87
C GLU A 285 -28.11 4.70 -17.16
N GLY A 286 -28.21 3.37 -17.11
CA GLY A 286 -28.62 2.59 -18.26
C GLY A 286 -27.65 2.57 -19.42
N SER A 287 -26.44 3.11 -19.27
CA SER A 287 -25.49 3.19 -20.37
C SER A 287 -24.69 1.90 -20.57
N GLY A 288 -24.90 0.89 -19.74
CA GLY A 288 -24.18 -0.36 -19.84
C GLY A 288 -22.71 -0.29 -19.51
N LEU A 289 -22.17 0.89 -19.21
CA LEU A 289 -20.78 1.05 -18.85
C LEU A 289 -20.58 0.78 -17.36
N THR A 290 -19.34 0.48 -16.99
CA THR A 290 -18.96 0.19 -15.61
C THR A 290 -18.10 1.32 -15.06
N ASN A 291 -17.96 1.37 -13.74
CA ASN A 291 -17.01 2.31 -13.17
C ASN A 291 -15.60 2.11 -13.72
N PRO A 292 -15.07 0.88 -13.87
CA PRO A 292 -13.75 0.74 -14.52
C PRO A 292 -13.70 1.29 -15.93
N ASP A 293 -14.76 1.11 -16.73
CA ASP A 293 -14.83 1.76 -18.04
C ASP A 293 -14.60 3.27 -17.92
N MET A 294 -15.29 3.90 -16.96
CA MET A 294 -15.21 5.34 -16.80
C MET A 294 -13.83 5.78 -16.36
N ILE A 295 -13.22 5.04 -15.43
CA ILE A 295 -11.88 5.39 -14.94
C ILE A 295 -10.86 5.23 -16.05
N LYS A 296 -10.96 4.14 -16.82
CA LYS A 296 -10.07 3.93 -17.96
C LYS A 296 -10.12 5.12 -18.91
N ALA A 297 -11.33 5.57 -19.25
CA ALA A 297 -11.46 6.75 -20.11
C ALA A 297 -10.79 7.97 -19.49
N ALA A 298 -11.03 8.22 -18.19
CA ALA A 298 -10.43 9.39 -17.55
C ALA A 298 -8.90 9.31 -17.57
N ILE A 299 -8.34 8.10 -17.42
CA ILE A 299 -6.90 7.93 -17.46
C ILE A 299 -6.36 8.30 -18.83
N LEU A 300 -7.01 7.77 -19.88
CA LEU A 300 -6.54 8.06 -21.24
C LEU A 300 -6.57 9.56 -21.53
N LYS A 301 -7.63 10.27 -21.11
CA LYS A 301 -7.64 11.71 -21.36
C LYS A 301 -6.53 12.40 -20.60
N GLU A 302 -6.26 11.96 -19.37
CA GLU A 302 -5.27 12.65 -18.54
C GLU A 302 -3.85 12.44 -19.06
N MET A 303 -3.55 11.24 -19.58
CA MET A 303 -2.22 10.95 -20.10
C MET A 303 -1.85 11.77 -21.33
N GLU A 304 -2.83 12.40 -21.99
CA GLU A 304 -2.50 13.24 -23.14
C GLU A 304 -1.78 14.52 -22.76
N ASN A 305 -1.78 14.91 -21.48
CA ASN A 305 -1.10 16.09 -20.99
C ASN A 305 0.33 15.77 -20.57
N PRO A 306 1.23 16.74 -20.64
CA PRO A 306 2.55 16.56 -20.02
C PRO A 306 2.39 16.20 -18.55
N LYS A 307 3.31 15.37 -18.05
CA LYS A 307 3.14 14.83 -16.71
C LYS A 307 2.98 15.93 -15.66
N GLU A 308 3.67 17.07 -15.85
CA GLU A 308 3.61 18.13 -14.85
C GLU A 308 2.23 18.76 -14.77
N GLU A 309 1.43 18.65 -15.82
CA GLU A 309 0.10 19.23 -15.82
C GLU A 309 -0.97 18.23 -15.40
N ARG A 310 -0.62 16.97 -15.17
CA ARG A 310 -1.62 15.96 -14.89
C ARG A 310 -2.13 16.04 -13.46
N ALA A 311 -3.44 15.86 -13.30
CA ALA A 311 -3.99 15.58 -12.00
C ALA A 311 -3.64 14.16 -11.59
N ALA A 312 -3.70 13.89 -10.29
CA ALA A 312 -3.74 12.50 -9.84
C ALA A 312 -5.05 11.86 -10.29
N ILE A 313 -4.99 10.58 -10.60
CA ILE A 313 -6.20 9.79 -10.81
C ILE A 313 -6.54 9.24 -9.44
N SER A 314 -7.42 9.93 -8.72
CA SER A 314 -7.72 9.64 -7.32
C SER A 314 -9.13 9.06 -7.27
N ILE A 315 -9.24 7.74 -6.98
CA ILE A 315 -10.49 7.02 -7.16
C ILE A 315 -10.98 6.45 -5.84
N GLY A 316 -12.30 6.35 -5.73
CA GLY A 316 -12.94 5.52 -4.73
C GLY A 316 -13.58 4.33 -5.41
N ALA A 317 -13.81 3.25 -4.64
CA ALA A 317 -14.54 2.10 -5.12
C ALA A 317 -15.42 1.58 -4.01
N HIS A 318 -16.51 0.91 -4.39
CA HIS A 318 -17.35 0.21 -3.42
C HIS A 318 -17.10 -1.29 -3.55
N ASN A 319 -18.05 -2.06 -4.07
CA ASN A 319 -17.82 -3.48 -4.31
C ASN A 319 -16.96 -3.66 -5.55
N THR A 320 -15.90 -4.45 -5.44
CA THR A 320 -15.10 -4.80 -6.61
C THR A 320 -15.47 -6.20 -7.05
N ASP A 321 -15.22 -6.48 -8.33
CA ASP A 321 -15.74 -7.67 -9.01
C ASP A 321 -14.78 -8.05 -10.13
N THR A 322 -15.22 -8.96 -11.00
CA THR A 322 -14.36 -9.43 -12.09
C THR A 322 -13.96 -8.29 -13.01
N GLY A 323 -14.87 -7.34 -13.27
CA GLY A 323 -14.52 -6.20 -14.09
C GLY A 323 -13.39 -5.39 -13.48
N TRP A 324 -13.41 -5.22 -12.16
CA TRP A 324 -12.31 -4.54 -11.48
C TRP A 324 -11.01 -5.34 -11.57
N VAL A 325 -11.08 -6.67 -11.44
CA VAL A 325 -9.90 -7.49 -11.57
C VAL A 325 -9.25 -7.28 -12.93
N ASN A 326 -10.07 -7.33 -13.98
CA ASN A 326 -9.56 -7.14 -15.34
C ASN A 326 -9.02 -5.72 -15.54
N PHE A 327 -9.61 -4.72 -14.87
CA PHE A 327 -9.11 -3.35 -14.97
C PHE A 327 -7.75 -3.20 -14.27
N LEU A 328 -7.60 -3.82 -13.10
CA LEU A 328 -6.30 -3.81 -12.44
C LEU A 328 -5.26 -4.50 -13.32
N GLU A 329 -5.63 -5.60 -13.98
CA GLU A 329 -4.69 -6.26 -14.89
C GLU A 329 -4.36 -5.37 -16.07
N TRP A 330 -5.36 -4.63 -16.59
CA TRP A 330 -5.11 -3.66 -17.65
C TRP A 330 -4.11 -2.59 -17.21
N LEU A 331 -4.25 -2.09 -15.99
CA LEU A 331 -3.28 -1.10 -15.51
C LEU A 331 -1.88 -1.70 -15.45
N ASN A 332 -1.78 -2.93 -14.93
CA ASN A 332 -0.50 -3.61 -14.89
C ASN A 332 0.11 -3.74 -16.29
N ASP A 333 -0.72 -4.09 -17.27
CA ASP A 333 -0.29 -4.34 -18.64
C ASP A 333 0.00 -3.07 -19.43
N THR A 334 -0.51 -1.93 -18.98
CA THR A 334 -0.41 -0.70 -19.77
C THR A 334 0.56 0.30 -19.15
N TYR A 335 0.43 0.57 -17.85
CA TYR A 335 1.24 1.57 -17.18
C TYR A 335 2.07 1.00 -16.03
N GLY A 336 2.03 -0.32 -15.81
CA GLY A 336 2.85 -0.95 -14.78
C GLY A 336 3.99 -1.78 -15.31
N ARG A 337 4.27 -2.87 -14.58
CA ARG A 337 5.44 -3.71 -14.82
CA ARG A 337 5.43 -3.73 -14.81
C ARG A 337 5.45 -4.31 -16.23
N ASP A 338 4.27 -4.64 -16.76
CA ASP A 338 4.18 -5.26 -18.08
C ASP A 338 3.80 -4.26 -19.17
N GLY A 339 3.79 -2.97 -18.84
CA GLY A 339 3.57 -1.88 -19.77
C GLY A 339 4.70 -0.88 -19.67
N ASP A 340 4.38 0.41 -19.64
CA ASP A 340 5.44 1.42 -19.69
C ASP A 340 5.95 1.82 -18.31
N ASP A 341 5.46 1.17 -17.24
CA ASP A 341 6.00 1.37 -15.88
C ASP A 341 5.98 2.83 -15.43
N SER A 342 5.06 3.65 -15.94
CA SER A 342 5.05 5.09 -15.66
C SER A 342 4.24 5.46 -14.42
N MET A 343 3.41 4.55 -13.91
CA MET A 343 2.44 4.83 -12.86
C MET A 343 3.02 4.54 -11.46
N TRP A 344 2.64 5.37 -10.47
CA TRP A 344 2.74 5.00 -9.07
C TRP A 344 1.33 4.69 -8.58
N PHE A 345 1.02 3.41 -8.36
CA PHE A 345 -0.28 2.94 -7.88
C PHE A 345 -0.19 2.77 -6.38
N THR A 346 -0.75 3.70 -5.61
CA THR A 346 -0.59 3.58 -4.17
C THR A 346 -1.83 4.06 -3.43
N ASN A 347 -1.75 4.00 -2.10
CA ASN A 347 -2.81 4.43 -1.23
C ASN A 347 -2.51 5.87 -0.77
N GLN A 348 -3.56 6.57 -0.32
CA GLN A 348 -3.39 7.98 0.00
C GLN A 348 -2.48 8.20 1.21
N GLU A 349 -2.44 7.25 2.14
CA GLU A 349 -1.57 7.41 3.30
C GLU A 349 -0.10 7.37 2.92
N GLU A 350 0.31 6.41 2.08
CA GLU A 350 1.71 6.35 1.65
C GLU A 350 2.08 7.60 0.87
N TYR A 351 1.19 8.08 0.01
CA TYR A 351 1.47 9.32 -0.71
C TYR A 351 1.62 10.50 0.23
N TYR A 352 0.70 10.63 1.20
CA TYR A 352 0.75 11.72 2.16
C TYR A 352 2.10 11.77 2.87
N GLU A 353 2.58 10.61 3.33
CA GLU A 353 3.87 10.56 4.02
C GLU A 353 5.00 10.95 3.10
N TYR A 354 4.97 10.47 1.85
CA TYR A 354 6.03 10.78 0.91
C TYR A 354 6.08 12.28 0.64
N TYR A 355 4.92 12.88 0.42
CA TYR A 355 4.86 14.32 0.18
C TYR A 355 5.40 15.09 1.39
N TYR A 356 5.11 14.59 2.60
CA TYR A 356 5.62 15.21 3.83
C TYR A 356 7.14 15.13 3.87
N TYR A 357 7.71 13.97 3.54
CA TYR A 357 9.17 13.86 3.48
C TYR A 357 9.75 14.81 2.44
N ARG A 358 9.14 14.88 1.26
CA ARG A 358 9.71 15.73 0.22
C ARG A 358 9.69 17.18 0.65
N LEU A 359 8.66 17.58 1.39
CA LEU A 359 8.55 18.96 1.84
C LEU A 359 9.56 19.27 2.95
N HIS A 360 9.76 18.34 3.90
CA HIS A 360 10.50 18.67 5.12
C HIS A 360 11.89 18.06 5.21
N SER A 361 12.16 16.95 4.53
CA SER A 361 13.48 16.35 4.57
C SER A 361 14.32 16.96 3.46
N LYS A 362 15.60 17.16 3.75
CA LYS A 362 16.52 17.76 2.79
C LYS A 362 17.73 16.84 2.63
N PRO A 363 17.79 16.04 1.57
CA PRO A 363 18.97 15.22 1.38
C PRO A 363 20.19 16.08 1.12
N GLU A 364 21.34 15.57 1.56
CA GLU A 364 22.62 16.25 1.41
C GLU A 364 23.64 15.21 1.03
N ILE A 365 24.61 15.59 0.22
CA ILE A 365 25.72 14.68 -0.09
C ILE A 365 27.02 15.45 0.08
N LYS A 366 27.96 14.85 0.80
CA LYS A 366 29.22 15.49 1.14
C LYS A 366 30.37 14.58 0.77
N GLN A 367 31.44 15.16 0.22
CA GLN A 367 32.62 14.39 -0.12
C GLN A 367 33.45 14.15 1.14
N VAL A 368 33.80 12.88 1.36
CA VAL A 368 34.59 12.45 2.51
C VAL A 368 36.06 12.36 2.17
N ASN A 369 36.38 11.81 1.00
CA ASN A 369 37.73 11.86 0.44
C ASN A 369 37.59 11.82 -1.08
N THR A 370 38.73 11.70 -1.78
CA THR A 370 38.72 11.82 -3.23
C THR A 370 37.70 10.88 -3.88
N HIS A 371 37.46 9.72 -3.28
CA HIS A 371 36.62 8.70 -3.90
C HIS A 371 35.50 8.24 -2.99
N THR A 372 35.10 9.03 -2.00
CA THR A 372 34.06 8.62 -1.07
C THR A 372 33.10 9.79 -0.82
N TRP A 373 31.80 9.52 -0.98
CA TRP A 373 30.78 10.50 -0.70
C TRP A 373 29.77 9.92 0.27
N LYS A 374 29.20 10.78 1.11
CA LYS A 374 28.24 10.35 2.12
C LYS A 374 26.93 11.08 1.90
N LEU A 375 25.86 10.32 1.62
CA LEU A 375 24.51 10.85 1.46
C LEU A 375 23.78 10.75 2.80
N THR A 376 23.22 11.87 3.26
CA THR A 376 22.46 11.87 4.51
C THR A 376 21.09 12.48 4.29
N LEU A 377 20.13 11.98 5.08
CA LEU A 377 18.73 12.38 5.00
C LEU A 377 18.08 11.99 6.31
N ASN A 378 17.28 12.88 6.89
CA ASN A 378 16.47 12.52 8.04
C ASN A 378 15.00 12.42 7.63
N LEU A 379 14.36 11.30 7.97
CA LEU A 379 12.92 11.11 7.75
C LEU A 379 12.22 11.18 9.10
N ASN A 380 11.46 12.24 9.32
CA ASN A 380 10.75 12.45 10.57
C ASN A 380 9.28 12.60 10.27
N GLY A 381 8.45 11.73 10.82
CA GLY A 381 7.03 11.85 10.64
C GLY A 381 6.43 12.91 11.56
N GLU A 382 5.10 13.01 11.51
CA GLU A 382 4.37 13.92 12.38
C GLU A 382 4.24 13.36 13.80
N ASP A 383 3.94 14.27 14.74
CA ASP A 383 3.92 13.94 16.16
C ASP A 383 2.78 13.01 16.58
N SER A 384 1.77 12.81 15.75
CA SER A 384 0.59 12.04 16.17
C SER A 384 0.94 10.57 16.39
N ALA A 385 1.56 9.93 15.39
CA ALA A 385 1.88 8.52 15.42
C ALA A 385 3.01 8.28 14.42
N PRO A 386 3.74 7.16 14.55
CA PRO A 386 4.75 6.84 13.55
C PRO A 386 4.11 6.75 12.17
N PHE A 387 4.73 7.43 11.21
CA PHE A 387 4.49 7.13 9.82
C PHE A 387 4.77 5.65 9.56
N TYR A 388 4.04 5.05 8.61
CA TYR A 388 4.19 3.62 8.38
C TYR A 388 4.80 3.28 7.03
N TYR A 389 5.04 4.25 6.17
CA TYR A 389 5.68 4.05 4.87
C TYR A 389 6.95 4.88 4.78
N PRO A 390 7.92 4.64 5.67
CA PRO A 390 9.17 5.43 5.65
C PRO A 390 10.14 4.93 4.60
N SER A 391 9.77 5.12 3.33
CA SER A 391 10.63 4.83 2.21
C SER A 391 10.58 6.01 1.24
N VAL A 392 11.72 6.32 0.63
CA VAL A 392 11.84 7.45 -0.29
C VAL A 392 12.73 7.06 -1.46
N THR A 393 12.74 7.92 -2.46
CA THR A 393 13.69 7.85 -3.56
C THR A 393 14.56 9.09 -3.46
N VAL A 394 15.87 8.92 -3.64
CA VAL A 394 16.81 10.03 -3.75
C VAL A 394 17.54 9.90 -5.07
N ASN A 395 17.53 10.98 -5.85
CA ASN A 395 18.29 11.06 -7.09
C ASN A 395 19.62 11.75 -6.83
N ILE A 396 20.68 11.22 -7.44
CA ILE A 396 22.00 11.83 -7.39
C ILE A 396 22.38 12.23 -8.80
N PHE A 397 22.55 13.53 -9.01
CA PHE A 397 22.94 14.07 -10.31
C PHE A 397 24.45 14.17 -10.38
N GLY A 398 25.03 13.66 -11.47
CA GLY A 398 26.47 13.66 -11.65
C GLY A 398 27.13 12.32 -11.42
N LEU A 399 26.35 11.30 -11.05
CA LEU A 399 26.83 9.97 -10.73
C LEU A 399 26.14 8.96 -11.64
N LYS A 400 26.87 7.89 -11.98
CA LYS A 400 26.33 6.75 -12.71
C LYS A 400 26.68 5.46 -11.98
N MET A 401 25.83 4.44 -12.18
CA MET A 401 26.10 3.13 -11.61
C MET A 401 27.51 2.64 -11.90
N GLY A 402 27.97 2.84 -13.13
CA GLY A 402 29.31 2.40 -13.53
C GLY A 402 30.45 3.07 -12.78
N ASP A 403 30.18 4.19 -12.10
CA ASP A 403 31.21 4.85 -11.32
C ASP A 403 31.47 4.17 -9.98
N ILE A 404 30.59 3.31 -9.53
CA ILE A 404 30.50 2.96 -8.12
C ILE A 404 31.21 1.63 -7.85
N GLU A 405 32.13 1.66 -6.89
CA GLU A 405 32.75 0.43 -6.41
C GLU A 405 31.87 -0.27 -5.38
N SER A 406 31.32 0.47 -4.43
CA SER A 406 30.53 -0.14 -3.37
C SER A 406 29.63 0.90 -2.73
N ILE A 407 28.54 0.44 -2.13
CA ILE A 407 27.62 1.28 -1.37
C ILE A 407 27.31 0.58 -0.06
N LYS A 408 27.44 1.31 1.05
CA LYS A 408 27.11 0.81 2.37
C LYS A 408 26.09 1.74 3.01
N SER A 409 25.40 1.24 4.02
CA SER A 409 24.36 2.03 4.65
C SER A 409 24.33 1.71 6.14
N ASN A 410 23.72 2.61 6.92
CA ASN A 410 23.63 2.44 8.36
C ASN A 410 22.38 1.65 8.75
N GLU A 411 22.19 1.44 10.05
CA GLU A 411 21.19 0.48 10.52
C GLU A 411 19.77 0.93 10.21
N ASP A 412 19.51 2.23 10.16
CA ASP A 412 18.15 2.70 9.92
C ASP A 412 17.66 2.33 8.53
N VAL A 413 18.58 2.11 7.59
CA VAL A 413 18.22 1.64 6.26
C VAL A 413 18.07 0.12 6.31
N THR A 414 16.86 -0.37 5.97
CA THR A 414 16.61 -1.80 5.93
C THR A 414 16.38 -2.34 4.52
N GLY A 415 15.98 -1.49 3.58
CA GLY A 415 15.93 -1.86 2.18
C GLY A 415 16.69 -0.84 1.37
N LEU A 416 17.40 -1.31 0.35
CA LEU A 416 18.22 -0.41 -0.48
C LEU A 416 18.44 -1.01 -1.86
N SER A 417 17.91 -0.34 -2.87
CA SER A 417 17.96 -0.74 -4.28
C SER A 417 18.37 0.51 -5.07
N TYR A 418 19.19 0.35 -6.11
CA TYR A 418 19.71 1.54 -6.78
C TYR A 418 20.14 1.20 -8.21
N GLY A 419 20.32 2.26 -9.00
CA GLY A 419 20.74 2.11 -10.39
C GLY A 419 20.48 3.38 -11.17
N ASP A 420 20.83 3.31 -12.45
CA ASP A 420 20.70 4.47 -13.34
C ASP A 420 19.24 4.75 -13.68
N HIS A 421 18.90 6.03 -13.80
CA HIS A 421 17.60 6.44 -14.29
C HIS A 421 17.80 7.66 -15.19
N LYS A 422 17.32 7.57 -16.42
CA LYS A 422 17.63 8.58 -17.43
C LYS A 422 19.13 8.88 -17.39
N ASP A 423 19.52 10.15 -17.19
CA ASP A 423 20.93 10.51 -17.18
C ASP A 423 21.49 10.72 -15.77
N PHE A 424 20.79 10.24 -14.74
CA PHE A 424 21.29 10.37 -13.38
C PHE A 424 21.16 9.01 -12.67
N PHE A 425 21.28 9.03 -11.34
CA PHE A 425 21.36 7.82 -10.51
C PHE A 425 20.27 7.90 -9.45
N MET A 426 19.54 6.80 -9.24
CA MET A 426 18.48 6.80 -8.23
C MET A 426 18.71 5.74 -7.17
N LEU A 427 18.36 6.09 -5.93
CA LEU A 427 18.35 5.14 -4.82
C LEU A 427 16.95 5.05 -4.23
N ASN A 428 16.48 3.81 -4.05
CA ASN A 428 15.25 3.55 -3.32
C ASN A 428 15.63 3.09 -1.92
N ILE A 429 15.28 3.88 -0.92
CA ILE A 429 15.73 3.71 0.47
C ILE A 429 14.51 3.39 1.33
N ASP A 430 14.49 2.20 1.92
CA ASP A 430 13.41 1.78 2.80
C ASP A 430 13.93 1.75 4.22
N CYS A 431 13.18 2.37 5.14
CA CYS A 431 13.59 2.43 6.54
C CYS A 431 12.57 1.77 7.47
N ARG A 432 11.70 0.90 6.95
CA ARG A 432 10.79 0.18 7.83
C ARG A 432 11.62 -0.64 8.81
N LYS A 433 11.49 -0.32 10.10
CA LYS A 433 12.46 -0.82 11.08
C LYS A 433 12.46 -2.33 11.21
N TYR A 434 11.32 -2.99 10.98
CA TYR A 434 11.22 -4.43 11.19
C TYR A 434 11.02 -5.19 9.88
N LEU A 435 11.53 -4.63 8.79
CA LEU A 435 11.33 -5.23 7.47
C LEU A 435 12.01 -6.60 7.35
N ALA A 436 13.22 -6.74 7.89
CA ALA A 436 13.92 -8.03 7.79
C ALA A 436 13.17 -9.12 8.54
N GLU A 437 12.69 -8.81 9.76
CA GLU A 437 11.88 -9.75 10.54
C GLU A 437 10.58 -10.09 9.82
N HIS A 438 10.00 -9.11 9.11
CA HIS A 438 8.78 -9.33 8.36
C HIS A 438 9.02 -10.27 7.18
N ALA A 439 10.09 -10.03 6.42
CA ALA A 439 10.48 -10.97 5.37
C ALA A 439 10.71 -12.37 5.92
N GLU A 440 11.38 -12.47 7.07
CA GLU A 440 11.60 -13.81 7.63
C GLU A 440 10.29 -14.49 8.02
N ASN A 441 9.29 -13.71 8.48
CA ASN A 441 7.99 -14.30 8.77
C ASN A 441 7.35 -14.87 7.51
N PHE A 442 7.51 -14.21 6.36
CA PHE A 442 7.03 -14.80 5.11
C PHE A 442 7.82 -16.04 4.73
N VAL A 443 9.12 -16.05 5.03
CA VAL A 443 9.93 -17.24 4.77
C VAL A 443 9.44 -18.40 5.62
N LYS A 444 9.21 -18.16 6.92
CA LYS A 444 8.70 -19.21 7.81
C LYS A 444 7.34 -19.74 7.35
N ARG A 445 6.48 -18.86 6.82
CA ARG A 445 5.19 -19.31 6.32
C ARG A 445 5.37 -20.25 5.13
N TYR A 446 6.27 -19.90 4.21
CA TYR A 446 6.60 -20.78 3.10
C TYR A 446 7.17 -22.11 3.59
N GLU A 447 8.05 -22.07 4.60
CA GLU A 447 8.65 -23.30 5.10
C GLU A 447 7.60 -24.22 5.72
N ALA A 448 6.55 -23.64 6.29
CA ALA A 448 5.45 -24.41 6.87
C ALA A 448 4.44 -24.85 5.83
N ASN A 449 4.50 -24.28 4.63
CA ASN A 449 3.56 -24.59 3.53
C ASN A 449 4.35 -24.69 2.23
N PRO A 450 5.33 -25.60 2.16
CA PRO A 450 6.30 -25.56 1.05
C PRO A 450 5.73 -25.93 -0.30
N THR A 451 4.50 -26.45 -0.36
CA THR A 451 3.88 -26.75 -1.64
C THR A 451 3.03 -25.60 -2.16
N ASP A 452 2.92 -24.49 -1.40
CA ASP A 452 2.12 -23.34 -1.81
C ASP A 452 3.01 -22.43 -2.66
N VAL A 453 2.74 -22.39 -3.97
CA VAL A 453 3.58 -21.62 -4.87
C VAL A 453 3.48 -20.12 -4.57
N SER A 454 2.28 -19.67 -4.18
CA SER A 454 2.10 -18.25 -3.85
C SER A 454 2.86 -17.87 -2.59
N ALA A 455 2.93 -18.77 -1.61
CA ALA A 455 3.71 -18.52 -0.41
C ALA A 455 5.20 -18.37 -0.73
N LYS A 456 5.71 -19.21 -1.63
CA LYS A 456 7.10 -19.05 -2.03
C LYS A 456 7.31 -17.73 -2.78
N ALA A 457 6.38 -17.36 -3.65
CA ALA A 457 6.50 -16.08 -4.36
C ALA A 457 6.45 -14.90 -3.37
N ASP A 458 5.57 -14.96 -2.36
CA ASP A 458 5.55 -13.88 -1.39
C ASP A 458 6.87 -13.79 -0.64
N ALA A 459 7.43 -14.94 -0.24
CA ALA A 459 8.71 -14.91 0.47
C ALA A 459 9.80 -14.27 -0.39
N ASN A 460 9.87 -14.66 -1.67
CA ASN A 460 10.89 -14.06 -2.54
C ASN A 460 10.67 -12.56 -2.70
N TYR A 461 9.42 -12.13 -2.78
CA TYR A 461 9.11 -10.71 -2.96
C TYR A 461 9.54 -9.88 -1.76
N PHE A 462 9.22 -10.35 -0.55
CA PHE A 462 9.61 -9.59 0.64
C PHE A 462 11.12 -9.67 0.89
N VAL A 463 11.75 -10.83 0.66
CA VAL A 463 13.21 -10.90 0.84
C VAL A 463 13.93 -9.98 -0.14
N ASN A 464 13.41 -9.82 -1.36
CA ASN A 464 14.03 -8.91 -2.32
C ASN A 464 13.89 -7.44 -1.96
N MET A 465 13.05 -7.11 -0.96
CA MET A 465 13.00 -5.74 -0.46
C MET A 465 14.21 -5.39 0.41
N LEU A 466 14.88 -6.39 0.98
CA LEU A 466 15.94 -6.16 1.94
C LEU A 466 17.23 -5.70 1.27
N LYS A 467 17.99 -4.87 1.99
CA LYS A 467 19.34 -4.56 1.54
C LYS A 467 20.26 -5.78 1.70
N ASP A 468 21.29 -5.80 0.87
CA ASP A 468 22.34 -6.82 0.95
C ASP A 468 22.87 -6.95 2.37
N SER A 469 22.88 -8.17 2.90
CA SER A 469 23.22 -8.41 4.29
C SER A 469 23.31 -9.91 4.52
N ASP A 470 23.92 -10.29 5.64
CA ASP A 470 23.95 -11.71 6.01
C ASP A 470 22.55 -12.29 6.14
N LYS A 471 21.61 -11.53 6.70
CA LYS A 471 20.25 -12.04 6.88
C LYS A 471 19.56 -12.24 5.53
N LYS A 472 19.72 -11.30 4.61
CA LYS A 472 19.16 -11.50 3.27
C LYS A 472 19.73 -12.76 2.62
N THR A 473 21.04 -12.96 2.74
CA THR A 473 21.65 -14.16 2.18
C THR A 473 21.07 -15.42 2.81
N GLU A 474 20.93 -15.42 4.14
CA GLU A 474 20.32 -16.56 4.84
C GLU A 474 18.92 -16.85 4.31
N LEU A 475 18.08 -15.81 4.22
CA LEU A 475 16.69 -16.02 3.81
C LEU A 475 16.60 -16.48 2.35
N LYS A 476 17.45 -15.92 1.48
CA LYS A 476 17.49 -16.38 0.09
C LYS A 476 17.79 -17.87 -0.01
N LYS A 477 18.73 -18.34 0.82
CA LYS A 477 19.09 -19.76 0.80
C LYS A 477 17.90 -20.63 1.22
N ARG A 478 17.09 -20.15 2.16
CA ARG A 478 15.98 -20.92 2.66
C ARG A 478 14.82 -21.00 1.67
N ILE A 479 14.80 -20.15 0.64
CA ILE A 479 13.70 -20.15 -0.32
C ILE A 479 14.18 -20.43 -1.75
N GLU A 480 15.32 -21.08 -1.90
CA GLU A 480 15.78 -21.48 -3.24
C GLU A 480 14.78 -22.44 -3.88
C1 GOL B . 2.11 7.79 -19.53
O1 GOL B . 2.02 6.79 -20.50
C2 GOL B . 3.60 8.17 -19.36
O2 GOL B . 3.79 9.06 -18.30
C3 GOL B . 4.05 8.80 -20.74
O3 GOL B . 3.42 10.06 -20.89
C1 GOL C . 3.81 -3.27 18.28
O1 GOL C . 3.04 -3.34 17.13
C2 GOL C . 3.15 -4.24 19.28
O2 GOL C . 1.84 -3.86 19.55
C3 GOL C . 4.07 -4.20 20.52
O3 GOL C . 4.59 -5.51 20.67
C1 GOL D . -9.09 21.27 2.00
O1 GOL D . -9.44 20.61 3.14
C2 GOL D . -10.37 21.42 1.14
O2 GOL D . -10.02 21.78 -0.16
C3 GOL D . -11.23 22.54 1.84
O3 GOL D . -12.34 22.84 1.00
C1 GOL E . -1.23 -28.38 -2.92
O1 GOL E . -1.94 -28.78 -1.76
C2 GOL E . -0.74 -26.89 -2.72
O2 GOL E . -0.51 -26.57 -1.40
C3 GOL E . -1.79 -25.97 -3.39
O3 GOL E . -1.43 -24.65 -3.04
C1 GOL F . -3.53 -24.27 0.78
O1 GOL F . -3.52 -25.62 1.15
C2 GOL F . -2.06 -23.78 0.75
O2 GOL F . -1.15 -24.84 0.69
C3 GOL F . -1.89 -22.94 2.03
O3 GOL F . -0.58 -22.46 2.03
C1 GOL G . -21.91 4.13 3.10
C1 GOL G . -22.08 4.23 3.18
O1 GOL G . -21.21 5.24 3.60
O1 GOL G . -21.22 5.28 3.47
C2 GOL G . -22.88 4.68 2.04
C2 GOL G . -22.39 4.30 1.67
O2 GOL G . -22.47 5.91 1.52
O2 GOL G . -21.24 4.28 0.90
C3 GOL G . -22.95 3.60 0.95
C3 GOL G . -23.28 3.07 1.41
O3 GOL G . -24.19 2.96 1.10
O3 GOL G . -24.57 3.55 1.16
CU CU H . -19.54 4.66 2.05
#